data_1ZO1
#
_entry.id   1ZO1
#
_cell.length_a   1.0
_cell.length_b   1.0
_cell.length_c   1.0
_cell.angle_alpha   90.0
_cell.angle_beta   90.0
_cell.angle_gamma   90.0
#
_symmetry.space_group_name_H-M   'P 1'
#
loop_
_entity.id
_entity.type
_entity.pdbx_description
1 polymer 'P/I-site tRNA'
2 polymer 'translation initiation factor 2'
3 polymer 'translation Initiation Factor 1'
#
loop_
_entity_poly.entity_id
_entity_poly.type
_entity_poly.pdbx_seq_one_letter_code
_entity_poly.pdbx_strand_id
1 'polyribonucleotide' GCGGAUUUAGCUCAGUUGGGAGAGCGCCAGACUGAAGAUCUGGAGGUCCUGUGUUCGAUCCACAGAAUUCGCACCA F
2 'polypeptide(L)'
;EPRAPVVTIMGHVDHGKTSLLEYIRSTKVASGEAGGITQHIGAYHVETENGMITFLDTPGHAAFTSMRARGAQATDIVVL
VVAADDGVMPQTIEAIQHAKAAQVPVVVAVNKIDKPEADPDRVKNELSQYGILPEEWGGESQFVHVSAKAGTGIDELLDA
ILLQAEVLELKAVRKGMASGAVIESFLDKGRGPVATVLVREGTLHKGDIVLCGFEYGRVRAMRNELGQEVLEAGPSIPVE
ILGLSGVPAAGDEVTVVRDEKKAREVALYRQGKFREVKLARQQKSKLENMFANMTEGEVHEVNIVLKADVQGSVEAISDS
LLKLSTDEVKVKIIGSGVGGITETDATLAAASNAILVGFNVRADASARKVIEAESLDLRYYSVIYNLIDEVKAAMSGMLS
PELKQQIIGLAEVRDVFKSPKFGAIAGCMVTEGVVKRHNPIRVLRDNVVIYEGELESLRRFKDDVNEVRNGMECGIGVKN
YNDVRTGDVIEVFEIIEIQRT
;
I
3 'polypeptide(L)' AKEKDTIRTEGVVTEALPNATFRVKLDSGPEILAYISGKMRMHYIRILPGDRVVVEITPYDPTRGRIVYRK W
#
# COMPACT_ATOMS: atom_id res chain seq x y z
N GLU B 1 -13.02 -36.76 26.29
CA GLU B 1 -12.20 -35.87 27.16
C GLU B 1 -10.89 -35.33 26.55
N PRO B 2 -10.11 -36.17 25.79
CA PRO B 2 -8.86 -35.64 25.23
C PRO B 2 -9.06 -34.76 23.99
N ARG B 3 -8.60 -33.51 24.09
CA ARG B 3 -8.70 -32.52 23.01
C ARG B 3 -7.52 -32.57 22.04
N ALA B 4 -7.55 -31.66 21.06
CA ALA B 4 -6.57 -31.54 19.99
C ALA B 4 -5.21 -30.85 20.24
N PRO B 5 -4.07 -31.55 19.97
CA PRO B 5 -2.72 -30.98 20.16
C PRO B 5 -2.49 -29.95 19.06
N VAL B 6 -2.88 -28.70 19.35
CA VAL B 6 -2.78 -27.56 18.43
C VAL B 6 -1.35 -27.36 17.87
N VAL B 7 -1.22 -27.54 16.56
CA VAL B 7 0.07 -27.43 15.84
C VAL B 7 0.00 -26.38 14.72
N THR B 8 1.07 -25.59 14.59
CA THR B 8 1.15 -24.56 13.55
C THR B 8 2.40 -24.79 12.65
N ILE B 9 2.27 -24.44 11.37
CA ILE B 9 3.35 -24.58 10.38
C ILE B 9 4.16 -23.30 10.20
N MET B 10 5.22 -23.19 10.99
CA MET B 10 6.10 -22.03 11.03
C MET B 10 7.35 -22.12 10.14
N GLY B 11 7.83 -20.97 9.67
CA GLY B 11 9.01 -20.91 8.81
C GLY B 11 9.07 -19.72 7.87
N HIS B 12 10.08 -19.74 6.98
CA HIS B 12 10.32 -18.71 5.96
C HIS B 12 9.35 -18.94 4.79
N VAL B 13 9.14 -17.90 3.98
CA VAL B 13 8.25 -17.95 2.82
C VAL B 13 8.79 -18.83 1.68
N ASP B 14 7.88 -19.61 1.09
CA ASP B 14 8.13 -20.55 -0.02
C ASP B 14 8.98 -21.78 0.37
N HIS B 15 8.99 -22.08 1.67
CA HIS B 15 9.73 -23.21 2.22
C HIS B 15 8.94 -24.52 2.27
N GLY B 16 7.63 -24.43 1.99
CA GLY B 16 6.77 -25.60 2.00
C GLY B 16 5.81 -25.68 3.16
N LYS B 17 5.12 -24.57 3.45
CA LYS B 17 4.14 -24.51 4.54
C LYS B 17 2.80 -25.06 4.05
N THR B 18 2.35 -24.51 2.93
CA THR B 18 1.08 -24.87 2.28
C THR B 18 1.07 -26.23 1.60
N SER B 19 2.22 -26.62 1.05
CA SER B 19 2.38 -27.88 0.33
C SER B 19 2.48 -29.14 1.21
N LEU B 20 2.90 -28.96 2.46
CA LEU B 20 3.01 -30.05 3.44
C LEU B 20 1.61 -30.38 3.91
N LEU B 21 0.79 -29.33 3.99
CA LEU B 21 -0.61 -29.38 4.39
C LEU B 21 -1.52 -29.94 3.32
N GLU B 22 -1.09 -29.82 2.06
CA GLU B 22 -1.83 -30.33 0.92
C GLU B 22 -1.65 -31.84 0.77
N TYR B 23 -0.59 -32.38 1.36
CA TYR B 23 -0.33 -33.82 1.32
C TYR B 23 -1.00 -34.52 2.52
N ILE B 24 -1.14 -33.83 3.65
CA ILE B 24 -1.81 -34.39 4.83
C ILE B 24 -3.32 -34.33 4.55
N ARG B 25 -3.70 -33.48 3.59
CA ARG B 25 -5.08 -33.32 3.16
C ARG B 25 -5.40 -34.32 2.03
N SER B 26 -4.39 -34.67 1.22
CA SER B 26 -4.57 -35.61 0.10
C SER B 26 -4.69 -37.06 0.57
N THR B 27 -4.11 -37.36 1.73
CA THR B 27 -4.17 -38.69 2.33
C THR B 27 -5.38 -38.83 3.26
N LYS B 28 -6.06 -37.69 3.46
CA LYS B 28 -7.26 -37.58 4.29
C LYS B 28 -8.45 -37.88 3.39
N VAL B 29 -8.38 -37.41 2.15
CA VAL B 29 -9.41 -37.60 1.12
C VAL B 29 -9.36 -39.07 0.65
N ALA B 30 -8.16 -39.66 0.68
CA ALA B 30 -7.93 -41.05 0.28
C ALA B 30 -8.32 -42.02 1.40
N SER B 31 -8.96 -43.13 1.01
CA SER B 31 -9.43 -44.16 1.93
C SER B 31 -8.35 -45.17 2.35
N GLY B 32 -8.51 -45.72 3.57
CA GLY B 32 -7.57 -46.69 4.10
C GLY B 32 -6.75 -46.17 5.26
N GLU B 33 -5.96 -45.12 4.99
CA GLU B 33 -5.11 -44.47 5.98
C GLU B 33 -5.94 -43.51 6.84
N ALA B 34 -7.09 -43.12 6.28
CA ALA B 34 -8.06 -42.21 6.89
C ALA B 34 -9.40 -42.41 6.17
N GLY B 35 -10.34 -41.48 6.37
CA GLY B 35 -11.64 -41.57 5.72
C GLY B 35 -12.50 -40.32 5.82
N GLY B 36 -13.77 -40.53 6.19
CA GLY B 36 -14.74 -39.44 6.32
C GLY B 36 -14.59 -38.63 7.60
N ILE B 37 -13.75 -37.60 7.52
CA ILE B 37 -13.43 -36.71 8.63
C ILE B 37 -14.19 -35.36 8.50
N THR B 38 -14.43 -34.71 9.64
CA THR B 38 -15.14 -33.43 9.73
C THR B 38 -14.33 -32.23 9.23
N GLN B 39 -14.99 -31.38 8.45
CA GLN B 39 -14.38 -30.18 7.85
C GLN B 39 -14.43 -28.93 8.72
N HIS B 40 -13.25 -28.41 9.05
CA HIS B 40 -13.09 -27.20 9.85
C HIS B 40 -12.49 -26.13 8.94
N ILE B 41 -12.74 -24.86 9.26
CA ILE B 41 -12.20 -23.75 8.47
C ILE B 41 -10.75 -23.46 8.94
N GLY B 42 -9.88 -24.46 8.74
CA GLY B 42 -8.48 -24.33 9.11
C GLY B 42 -7.88 -25.19 10.21
N ALA B 43 -8.49 -26.34 10.51
CA ALA B 43 -8.03 -27.26 11.56
C ALA B 43 -8.33 -28.73 11.23
N TYR B 44 -7.69 -29.66 11.95
CA TYR B 44 -7.88 -31.11 11.76
C TYR B 44 -8.25 -31.83 13.08
N HIS B 45 -7.53 -32.87 13.51
CA HIS B 45 -7.90 -33.59 14.75
C HIS B 45 -6.95 -33.90 15.95
N VAL B 46 -7.00 -35.13 16.51
CA VAL B 46 -6.23 -35.52 17.72
C VAL B 46 -5.51 -36.90 17.74
N GLU B 47 -4.47 -37.04 18.59
CA GLU B 47 -3.64 -38.25 18.79
C GLU B 47 -4.21 -39.70 18.63
N THR B 48 -3.57 -40.68 19.29
CA THR B 48 -3.97 -42.09 19.25
C THR B 48 -5.22 -42.36 20.10
N GLU B 49 -5.51 -41.40 20.98
CA GLU B 49 -6.65 -41.45 21.89
C GLU B 49 -7.96 -40.99 21.24
N ASN B 50 -7.87 -40.48 20.00
CA ASN B 50 -9.02 -40.03 19.23
C ASN B 50 -8.76 -39.94 17.69
N GLY B 51 -8.87 -38.75 17.08
CA GLY B 51 -8.70 -38.59 15.62
C GLY B 51 -7.33 -38.68 14.93
N MET B 52 -6.83 -37.56 14.40
CA MET B 52 -5.54 -37.47 13.69
C MET B 52 -4.44 -36.56 14.31
N ILE B 53 -4.41 -35.27 13.91
CA ILE B 53 -3.47 -34.23 14.41
C ILE B 53 -3.91 -32.86 13.81
N THR B 54 -4.18 -31.87 14.68
CA THR B 54 -4.61 -30.54 14.20
C THR B 54 -3.55 -29.53 13.78
N PHE B 55 -3.46 -29.37 12.46
CA PHE B 55 -2.55 -28.43 11.81
C PHE B 55 -3.37 -27.18 11.52
N LEU B 56 -2.96 -26.06 12.12
CA LEU B 56 -3.62 -24.77 11.90
C LEU B 56 -3.07 -24.17 10.61
N ASP B 57 -3.95 -24.04 9.61
CA ASP B 57 -3.59 -23.46 8.30
C ASP B 57 -3.24 -21.97 8.51
N THR B 58 -1.98 -21.75 8.91
CA THR B 58 -1.37 -20.46 9.22
C THR B 58 -1.97 -19.18 8.63
N PRO B 59 -2.14 -18.11 9.46
CA PRO B 59 -2.68 -16.83 8.98
C PRO B 59 -2.05 -16.33 7.67
N GLY B 60 -2.93 -16.13 6.68
CA GLY B 60 -2.59 -15.68 5.33
C GLY B 60 -1.26 -15.18 4.81
N HIS B 61 -0.48 -14.46 5.64
CA HIS B 61 0.83 -13.95 5.23
C HIS B 61 1.88 -14.27 6.31
N ALA B 62 1.91 -15.55 6.71
CA ALA B 62 2.84 -16.11 7.71
C ALA B 62 3.02 -15.30 9.01
N ALA B 63 1.91 -15.03 9.69
CA ALA B 63 1.92 -14.23 10.91
C ALA B 63 2.30 -14.90 12.23
N PHE B 64 1.82 -16.14 12.44
CA PHE B 64 2.05 -16.97 13.66
C PHE B 64 1.87 -16.38 15.07
N THR B 65 2.12 -15.08 15.23
CA THR B 65 1.99 -14.37 16.52
C THR B 65 0.53 -14.13 16.95
N SER B 66 -0.41 -14.35 16.03
CA SER B 66 -1.84 -14.19 16.31
C SER B 66 -2.33 -15.43 17.00
N MET B 67 -1.71 -16.57 16.67
CA MET B 67 -2.06 -17.86 17.25
C MET B 67 -1.52 -17.93 18.69
N ARG B 68 -1.74 -16.81 19.38
CA ARG B 68 -1.35 -16.58 20.77
C ARG B 68 -2.50 -16.98 21.69
N ALA B 69 -2.31 -16.84 22.99
CA ALA B 69 -3.34 -17.20 23.95
C ALA B 69 -3.21 -16.32 25.18
N ARG B 70 -3.91 -16.73 26.25
CA ARG B 70 -3.90 -16.05 27.53
C ARG B 70 -2.63 -16.49 28.28
N GLY B 71 -1.55 -15.74 28.05
CA GLY B 71 -0.28 -16.01 28.68
C GLY B 71 0.82 -16.45 27.74
N ALA B 72 0.51 -17.38 26.84
CA ALA B 72 1.49 -17.91 25.89
C ALA B 72 0.92 -18.08 24.47
N GLN B 73 1.28 -19.19 23.82
CA GLN B 73 0.84 -19.53 22.46
C GLN B 73 -0.39 -20.44 22.56
N ALA B 74 -1.27 -20.37 21.56
CA ALA B 74 -2.49 -21.20 21.48
C ALA B 74 -2.15 -22.62 21.03
N THR B 75 -0.91 -22.79 20.56
CA THR B 75 -0.41 -24.07 20.10
C THR B 75 0.39 -24.84 21.14
N ASP B 76 0.15 -26.15 21.19
CA ASP B 76 0.81 -27.05 22.13
C ASP B 76 2.17 -27.48 21.56
N ILE B 77 2.13 -28.18 20.42
CA ILE B 77 3.33 -28.66 19.71
C ILE B 77 3.40 -27.79 18.44
N VAL B 78 4.59 -27.62 17.88
CA VAL B 78 4.81 -26.82 16.66
C VAL B 78 5.76 -27.59 15.71
N VAL B 79 5.60 -27.37 14.41
CA VAL B 79 6.44 -27.99 13.37
C VAL B 79 7.07 -26.92 12.46
N LEU B 80 8.39 -26.78 12.55
CA LEU B 80 9.16 -25.80 11.79
C LEU B 80 9.64 -26.27 10.41
N VAL B 81 9.13 -25.61 9.37
CA VAL B 81 9.50 -25.95 7.99
C VAL B 81 10.67 -25.10 7.45
N VAL B 82 11.80 -25.78 7.27
CA VAL B 82 13.06 -25.19 6.77
C VAL B 82 13.39 -25.87 5.44
N ALA B 83 14.18 -25.22 4.59
CA ALA B 83 14.59 -25.79 3.31
C ALA B 83 15.97 -26.45 3.44
N ALA B 84 16.15 -27.55 2.71
CA ALA B 84 17.39 -28.33 2.70
C ALA B 84 18.60 -27.69 2.03
N ASP B 85 18.35 -26.92 0.98
CA ASP B 85 19.40 -26.24 0.21
C ASP B 85 19.74 -24.85 0.74
N ASP B 86 18.77 -24.20 1.38
CA ASP B 86 18.95 -22.86 1.94
C ASP B 86 19.54 -22.85 3.35
N GLY B 87 19.00 -23.70 4.21
CA GLY B 87 19.44 -23.78 5.59
C GLY B 87 18.66 -22.80 6.44
N VAL B 88 19.25 -22.38 7.56
CA VAL B 88 18.63 -21.42 8.48
C VAL B 88 18.67 -19.97 7.99
N MET B 89 17.47 -19.42 7.78
CA MET B 89 17.25 -18.06 7.27
C MET B 89 16.79 -17.08 8.38
N PRO B 90 16.70 -15.74 8.11
CA PRO B 90 16.26 -14.77 9.14
C PRO B 90 14.84 -14.89 9.72
N GLN B 91 13.93 -15.54 8.99
CA GLN B 91 12.55 -15.74 9.46
C GLN B 91 12.40 -17.07 10.19
N THR B 92 13.43 -17.91 10.06
CA THR B 92 13.50 -19.23 10.70
C THR B 92 14.02 -19.05 12.14
N ILE B 93 14.87 -18.03 12.35
CA ILE B 93 15.42 -17.73 13.68
C ILE B 93 14.40 -16.90 14.49
N GLU B 94 13.50 -16.25 13.77
CA GLU B 94 12.41 -15.45 14.34
C GLU B 94 11.33 -16.44 14.79
N ALA B 95 11.36 -17.61 14.16
CA ALA B 95 10.44 -18.72 14.45
C ALA B 95 10.90 -19.49 15.68
N ILE B 96 12.21 -19.54 15.90
CA ILE B 96 12.82 -20.22 17.04
C ILE B 96 12.70 -19.31 18.27
N GLN B 97 12.63 -17.99 18.04
CA GLN B 97 12.52 -17.00 19.10
C GLN B 97 11.13 -17.00 19.75
N HIS B 98 10.10 -17.24 18.93
CA HIS B 98 8.71 -17.31 19.39
C HIS B 98 8.39 -18.72 19.92
N ALA B 99 9.30 -19.66 19.66
CA ALA B 99 9.17 -21.05 20.10
C ALA B 99 9.77 -21.30 21.48
N LYS B 100 10.84 -20.58 21.81
CA LYS B 100 11.53 -20.70 23.10
C LYS B 100 10.90 -19.80 24.17
N ALA B 101 10.22 -18.75 23.72
CA ALA B 101 9.56 -17.76 24.59
C ALA B 101 8.21 -18.25 25.10
N ALA B 102 7.53 -19.03 24.27
CA ALA B 102 6.21 -19.60 24.61
C ALA B 102 6.32 -21.00 25.20
N GLN B 103 7.57 -21.49 25.26
CA GLN B 103 7.95 -22.81 25.80
C GLN B 103 7.32 -24.05 25.15
N VAL B 104 6.90 -23.88 23.89
CA VAL B 104 6.27 -24.93 23.09
C VAL B 104 7.30 -25.88 22.44
N PRO B 105 7.21 -27.21 22.72
CA PRO B 105 8.12 -28.23 22.17
C PRO B 105 8.05 -28.40 20.64
N VAL B 106 9.12 -28.01 19.96
CA VAL B 106 9.21 -28.06 18.49
C VAL B 106 9.91 -29.23 17.78
N VAL B 107 9.46 -29.48 16.56
CA VAL B 107 9.97 -30.52 15.65
C VAL B 107 10.38 -29.75 14.38
N VAL B 108 11.50 -30.13 13.76
CA VAL B 108 11.98 -29.46 12.54
C VAL B 108 11.79 -30.33 11.28
N ALA B 109 11.06 -29.79 10.30
CA ALA B 109 10.78 -30.46 9.03
C ALA B 109 11.60 -29.84 7.89
N VAL B 110 12.74 -30.47 7.59
CA VAL B 110 13.66 -30.00 6.55
C VAL B 110 13.14 -30.38 5.15
N ASN B 111 12.28 -29.48 4.63
CA ASN B 111 11.62 -29.65 3.34
C ASN B 111 12.51 -29.58 2.10
N LYS B 112 11.91 -30.03 0.98
CA LYS B 112 12.53 -30.10 -0.34
C LYS B 112 13.79 -30.95 -0.44
N ILE B 113 13.61 -32.24 -0.15
CA ILE B 113 14.70 -33.23 -0.20
C ILE B 113 14.73 -33.84 -1.63
N ASP B 114 13.77 -33.44 -2.46
CA ASP B 114 13.69 -33.91 -3.85
C ASP B 114 14.43 -32.95 -4.81
N LYS B 115 14.78 -31.77 -4.30
CA LYS B 115 15.49 -30.73 -5.06
C LYS B 115 17.02 -30.91 -5.25
N PRO B 116 17.77 -31.44 -4.23
CA PRO B 116 19.23 -31.61 -4.45
C PRO B 116 19.61 -32.59 -5.56
N GLU B 117 20.74 -32.30 -6.21
CA GLU B 117 21.30 -33.06 -7.34
C GLU B 117 21.51 -34.58 -7.16
N ALA B 118 21.04 -35.36 -8.15
CA ALA B 118 21.14 -36.83 -8.22
C ALA B 118 20.62 -37.62 -7.01
N ASP B 119 19.41 -37.29 -6.57
CA ASP B 119 18.76 -37.90 -5.42
C ASP B 119 17.52 -38.74 -5.83
N PRO B 120 17.61 -40.10 -5.73
CA PRO B 120 16.50 -41.00 -6.09
C PRO B 120 15.28 -40.93 -5.14
N ASP B 121 14.14 -40.53 -5.70
CA ASP B 121 12.90 -40.37 -4.94
C ASP B 121 11.92 -41.55 -4.95
N ARG B 122 11.75 -42.16 -3.79
CA ARG B 122 10.81 -43.26 -3.59
C ARG B 122 9.57 -42.56 -3.00
N VAL B 123 8.46 -42.64 -3.72
CA VAL B 123 7.20 -41.99 -3.31
C VAL B 123 6.50 -42.64 -2.10
N LYS B 124 6.13 -41.79 -1.12
CA LYS B 124 5.42 -42.13 0.12
C LYS B 124 6.10 -43.10 1.11
N ASN B 125 7.43 -43.04 1.18
CA ASN B 125 8.19 -43.92 2.08
C ASN B 125 8.83 -43.21 3.29
N GLU B 126 9.56 -43.98 4.09
CA GLU B 126 10.27 -43.45 5.26
C GLU B 126 11.71 -43.12 4.85
N LEU B 127 12.20 -41.96 5.28
CA LEU B 127 13.54 -41.51 4.92
C LEU B 127 14.60 -41.64 6.03
N SER B 128 15.86 -41.56 5.62
CA SER B 128 17.02 -41.66 6.52
C SER B 128 18.16 -40.80 5.96
N GLN B 129 18.10 -39.49 6.22
CA GLN B 129 19.12 -38.54 5.77
C GLN B 129 19.47 -37.48 6.81
N TYR B 130 20.67 -36.91 6.65
CA TYR B 130 21.20 -35.87 7.53
C TYR B 130 21.45 -34.57 6.75
N GLY B 131 21.57 -33.47 7.48
CA GLY B 131 21.80 -32.16 6.87
C GLY B 131 22.22 -31.09 7.86
N ILE B 132 21.24 -30.33 8.34
CA ILE B 132 21.47 -29.24 9.30
C ILE B 132 21.59 -29.78 10.76
N LEU B 133 22.78 -30.27 11.06
CA LEU B 133 23.14 -30.86 12.36
C LEU B 133 23.56 -29.90 13.52
N PRO B 134 24.20 -28.73 13.22
CA PRO B 134 24.61 -27.84 14.33
C PRO B 134 23.48 -27.21 15.17
N GLU B 135 22.23 -27.36 14.73
CA GLU B 135 21.07 -26.82 15.44
C GLU B 135 20.04 -27.87 15.87
N GLU B 136 20.54 -29.00 16.40
CA GLU B 136 19.68 -30.09 16.88
C GLU B 136 20.26 -30.83 18.11
N TRP B 137 19.36 -31.35 18.94
CA TRP B 137 19.65 -32.14 20.16
C TRP B 137 18.33 -32.64 20.75
N GLY B 138 18.41 -33.21 21.97
CA GLY B 138 17.23 -33.68 22.68
C GLY B 138 16.69 -32.54 23.52
N GLY B 139 17.57 -31.57 23.80
CA GLY B 139 17.24 -30.38 24.57
C GLY B 139 16.77 -29.29 23.61
N GLU B 140 17.16 -29.43 22.35
CA GLU B 140 16.78 -28.53 21.26
C GLU B 140 15.60 -29.15 20.51
N SER B 141 15.84 -29.68 19.30
CA SER B 141 14.79 -30.29 18.48
C SER B 141 15.24 -31.50 17.64
N GLN B 142 14.26 -32.28 17.19
CA GLN B 142 14.48 -33.47 16.36
C GLN B 142 14.19 -33.10 14.90
N PHE B 143 15.20 -33.26 14.04
CA PHE B 143 15.06 -32.93 12.62
C PHE B 143 14.72 -34.12 11.71
N VAL B 144 13.78 -33.89 10.79
CA VAL B 144 13.33 -34.89 9.83
C VAL B 144 13.29 -34.32 8.40
N HIS B 145 14.02 -34.98 7.49
CA HIS B 145 14.08 -34.58 6.08
C HIS B 145 12.83 -35.02 5.32
N VAL B 146 11.97 -34.04 5.04
CA VAL B 146 10.69 -34.28 4.36
C VAL B 146 10.65 -33.62 2.97
N SER B 147 9.67 -34.05 2.16
CA SER B 147 9.42 -33.52 0.82
C SER B 147 7.91 -33.37 0.78
N ALA B 148 7.48 -32.11 0.72
CA ALA B 148 6.06 -31.73 0.69
C ALA B 148 5.22 -32.20 -0.49
N LYS B 149 5.86 -32.26 -1.68
CA LYS B 149 5.18 -32.68 -2.91
C LYS B 149 5.20 -34.18 -3.18
N ALA B 150 6.34 -34.81 -2.90
CA ALA B 150 6.53 -36.24 -3.11
C ALA B 150 5.90 -37.09 -2.00
N GLY B 151 6.06 -36.64 -0.75
CA GLY B 151 5.49 -37.34 0.39
C GLY B 151 6.43 -38.19 1.21
N THR B 152 7.73 -38.17 0.89
CA THR B 152 8.72 -38.95 1.64
C THR B 152 9.19 -38.21 2.90
N GLY B 153 9.25 -38.95 4.00
CA GLY B 153 9.67 -38.40 5.27
C GLY B 153 8.52 -37.93 6.15
N ILE B 154 7.29 -38.21 5.72
CA ILE B 154 6.05 -37.85 6.42
C ILE B 154 5.65 -38.84 7.52
N ASP B 155 6.09 -40.08 7.38
CA ASP B 155 5.80 -41.16 8.33
C ASP B 155 6.51 -40.96 9.68
N GLU B 156 7.71 -40.39 9.63
CA GLU B 156 8.53 -40.13 10.81
C GLU B 156 8.27 -38.75 11.41
N LEU B 157 7.61 -37.90 10.62
CA LEU B 157 7.26 -36.54 11.03
C LEU B 157 6.03 -36.58 11.95
N LEU B 158 5.01 -37.34 11.52
CA LEU B 158 3.77 -37.52 12.28
C LEU B 158 3.99 -38.40 13.51
N ASP B 159 5.12 -39.11 13.51
CA ASP B 159 5.51 -39.98 14.62
C ASP B 159 6.37 -39.16 15.59
N ALA B 160 7.07 -38.14 15.06
CA ALA B 160 7.93 -37.25 15.85
C ALA B 160 7.10 -36.23 16.63
N ILE B 161 5.88 -35.98 16.13
CA ILE B 161 4.94 -35.05 16.75
C ILE B 161 4.15 -35.83 17.82
N LEU B 162 4.05 -37.16 17.62
CA LEU B 162 3.34 -38.07 18.54
C LEU B 162 4.14 -38.34 19.81
N LEU B 163 5.47 -38.48 19.66
CA LEU B 163 6.41 -38.71 20.78
C LEU B 163 6.57 -37.44 21.61
N GLN B 164 6.02 -36.35 21.08
CA GLN B 164 6.08 -35.01 21.67
C GLN B 164 4.72 -34.54 22.19
N ALA B 165 3.63 -35.14 21.70
CA ALA B 165 2.27 -34.75 22.07
C ALA B 165 1.59 -35.42 23.25
N GLU B 166 2.29 -36.34 23.92
CA GLU B 166 1.73 -37.04 25.08
C GLU B 166 1.80 -36.16 26.33
N VAL B 167 0.79 -35.30 26.48
CA VAL B 167 0.65 -34.35 27.60
C VAL B 167 -0.74 -34.37 28.24
N LEU B 168 -0.88 -33.61 29.34
CA LEU B 168 -2.12 -33.49 30.10
C LEU B 168 -2.92 -32.23 29.68
N GLU B 169 -2.28 -31.37 28.89
CA GLU B 169 -2.86 -30.10 28.41
C GLU B 169 -4.07 -30.24 27.46
N LEU B 170 -4.49 -31.48 27.21
CA LEU B 170 -5.61 -31.80 26.33
C LEU B 170 -6.93 -32.01 27.08
N LYS B 171 -6.87 -31.92 28.41
CA LYS B 171 -8.04 -32.16 29.24
C LYS B 171 -8.39 -31.04 30.25
N ALA B 172 -7.52 -30.86 31.24
CA ALA B 172 -7.69 -29.91 32.35
C ALA B 172 -8.17 -28.47 32.10
N VAL B 173 -7.35 -27.73 31.35
CA VAL B 173 -7.56 -26.31 31.06
C VAL B 173 -8.90 -25.83 30.41
N ARG B 174 -8.79 -24.90 29.47
CA ARG B 174 -9.96 -24.30 28.75
C ARG B 174 -10.85 -23.39 29.65
N LYS B 175 -10.59 -23.46 30.96
CA LYS B 175 -11.30 -22.73 32.01
C LYS B 175 -11.45 -21.22 31.88
N GLY B 176 -10.35 -20.54 31.50
CA GLY B 176 -10.35 -19.09 31.33
C GLY B 176 -11.27 -18.53 30.26
N MET B 177 -11.57 -17.22 30.36
CA MET B 177 -12.45 -16.53 29.42
C MET B 177 -11.91 -16.49 27.99
N ALA B 178 -12.81 -16.79 27.06
CA ALA B 178 -12.56 -16.87 25.61
C ALA B 178 -11.80 -15.72 24.93
N SER B 179 -10.58 -16.04 24.48
CA SER B 179 -9.72 -15.10 23.77
C SER B 179 -9.51 -15.61 22.34
N GLY B 180 -9.94 -14.78 21.40
CA GLY B 180 -9.82 -15.09 19.98
C GLY B 180 -10.07 -13.88 19.12
N ALA B 181 -10.85 -14.09 18.05
CA ALA B 181 -11.24 -13.08 17.07
C ALA B 181 -12.41 -13.62 16.25
N VAL B 182 -13.16 -12.71 15.61
CA VAL B 182 -14.31 -13.03 14.75
C VAL B 182 -13.80 -13.55 13.37
N ILE B 183 -14.67 -13.69 12.38
CA ILE B 183 -14.33 -14.12 11.02
C ILE B 183 -14.98 -13.12 10.04
N GLU B 184 -16.31 -12.98 10.07
CA GLU B 184 -17.07 -12.07 9.17
C GLU B 184 -18.34 -11.48 9.78
N SER B 185 -18.69 -10.26 9.36
CA SER B 185 -19.89 -9.58 9.81
C SER B 185 -20.93 -9.54 8.68
N PHE B 186 -21.58 -10.68 8.45
CA PHE B 186 -22.59 -10.84 7.40
C PHE B 186 -24.03 -11.08 7.88
N LEU B 187 -24.95 -11.16 6.92
CA LEU B 187 -26.38 -11.39 7.18
C LEU B 187 -26.79 -12.81 6.75
N ASP B 188 -27.48 -13.52 7.65
CA ASP B 188 -27.96 -14.89 7.40
C ASP B 188 -29.41 -14.83 6.87
N LYS B 189 -29.87 -15.95 6.31
CA LYS B 189 -31.23 -16.06 5.76
C LYS B 189 -32.33 -16.22 6.81
N GLY B 190 -32.05 -17.03 7.83
CA GLY B 190 -33.01 -17.28 8.90
C GLY B 190 -32.91 -16.32 10.08
N ARG B 191 -31.85 -15.51 10.10
CA ARG B 191 -31.61 -14.54 11.17
C ARG B 191 -31.16 -13.21 10.55
N GLY B 192 -30.82 -12.23 11.40
CA GLY B 192 -30.36 -10.93 10.93
C GLY B 192 -28.83 -10.91 10.84
N PRO B 193 -28.14 -9.97 11.53
CA PRO B 193 -26.67 -9.89 11.50
C PRO B 193 -25.98 -11.00 12.35
N VAL B 194 -25.25 -11.86 11.66
CA VAL B 194 -24.54 -13.01 12.25
C VAL B 194 -23.02 -12.85 12.18
N ALA B 195 -22.31 -13.45 13.15
CA ALA B 195 -20.84 -13.37 13.19
C ALA B 195 -20.09 -14.65 13.54
N THR B 196 -19.47 -15.23 12.50
CA THR B 196 -18.66 -16.46 12.62
C THR B 196 -17.36 -16.15 13.38
N VAL B 197 -16.92 -17.03 14.30
CA VAL B 197 -15.70 -16.79 15.09
C VAL B 197 -14.63 -17.88 15.14
N LEU B 198 -13.37 -17.47 15.32
CA LEU B 198 -12.23 -18.40 15.47
C LEU B 198 -11.73 -18.13 16.88
N VAL B 199 -11.76 -19.18 17.71
CA VAL B 199 -11.30 -19.06 19.08
C VAL B 199 -9.99 -19.80 19.35
N ARG B 200 -8.98 -19.01 19.70
CA ARG B 200 -7.63 -19.49 19.97
C ARG B 200 -7.49 -20.33 21.25
N GLU B 201 -8.01 -19.81 22.36
CA GLU B 201 -8.00 -20.51 23.66
C GLU B 201 -9.18 -20.05 24.51
N GLY B 202 -9.59 -20.94 25.41
CA GLY B 202 -10.70 -20.66 26.31
C GLY B 202 -12.03 -21.21 25.84
N THR B 203 -13.04 -21.05 26.69
CA THR B 203 -14.39 -21.52 26.39
C THR B 203 -15.43 -20.41 26.42
N LEU B 204 -16.30 -20.45 25.43
CA LEU B 204 -17.41 -19.52 25.29
C LEU B 204 -18.61 -20.31 25.81
N HIS B 205 -19.49 -19.65 26.56
CA HIS B 205 -20.69 -20.31 27.09
C HIS B 205 -21.92 -19.77 26.36
N LYS B 206 -23.08 -20.43 26.54
CA LYS B 206 -24.31 -20.02 25.87
C LYS B 206 -24.92 -18.70 26.36
N GLY B 207 -24.49 -18.28 27.55
CA GLY B 207 -24.95 -17.03 28.15
C GLY B 207 -23.80 -16.10 28.47
N ASP B 208 -22.71 -16.24 27.71
CA ASP B 208 -21.51 -15.43 27.87
C ASP B 208 -21.66 -14.03 27.27
N ILE B 209 -21.16 -13.03 27.99
CA ILE B 209 -21.21 -11.63 27.56
C ILE B 209 -19.84 -11.29 26.98
N VAL B 210 -19.80 -10.93 25.69
CA VAL B 210 -18.55 -10.61 25.02
C VAL B 210 -18.45 -9.15 24.56
N LEU B 211 -17.35 -8.51 24.93
CA LEU B 211 -17.07 -7.12 24.55
C LEU B 211 -16.52 -7.11 23.13
N CYS B 212 -17.19 -6.36 22.25
CA CYS B 212 -16.78 -6.29 20.86
C CYS B 212 -16.40 -4.92 20.36
N GLY B 213 -15.55 -4.91 19.32
CA GLY B 213 -15.06 -3.69 18.72
C GLY B 213 -15.81 -3.22 17.50
N PHE B 214 -16.40 -2.03 17.63
CA PHE B 214 -17.18 -1.38 16.57
C PHE B 214 -16.39 -0.28 15.88
N GLU B 215 -17.07 0.48 15.01
CA GLU B 215 -16.48 1.59 14.28
C GLU B 215 -16.26 2.77 15.23
N TYR B 216 -17.20 2.97 16.16
CA TYR B 216 -17.11 4.05 17.14
C TYR B 216 -16.26 3.63 18.35
N GLY B 217 -16.70 2.58 19.05
CA GLY B 217 -15.98 2.11 20.22
C GLY B 217 -16.31 0.77 20.84
N ARG B 218 -16.21 0.73 22.17
CA ARG B 218 -16.45 -0.47 22.99
C ARG B 218 -17.89 -0.66 23.47
N VAL B 219 -18.61 -1.58 22.82
CA VAL B 219 -20.00 -1.91 23.14
C VAL B 219 -20.12 -3.44 23.32
N ARG B 220 -20.72 -3.88 24.43
CA ARG B 220 -20.89 -5.31 24.73
C ARG B 220 -22.27 -5.85 24.32
N ALA B 221 -22.33 -7.15 24.02
CA ALA B 221 -23.57 -7.82 23.61
C ALA B 221 -23.67 -9.25 24.15
N MET B 222 -24.82 -9.55 24.76
CA MET B 222 -25.11 -10.87 25.33
C MET B 222 -25.49 -11.88 24.25
N ARG B 223 -25.00 -13.11 24.38
CA ARG B 223 -25.29 -14.19 23.43
C ARG B 223 -26.73 -14.69 23.60
N ASN B 224 -27.55 -14.34 22.59
CA ASN B 224 -28.98 -14.65 22.49
C ASN B 224 -29.51 -16.01 22.93
N GLU B 225 -30.17 -16.02 24.09
CA GLU B 225 -30.77 -17.22 24.68
C GLU B 225 -32.00 -17.63 23.87
N LEU B 226 -32.72 -16.62 23.37
CA LEU B 226 -33.90 -16.78 22.53
C LEU B 226 -33.34 -16.93 21.11
N GLY B 227 -33.59 -18.09 20.51
CA GLY B 227 -33.08 -18.40 19.20
C GLY B 227 -31.84 -19.26 19.44
N GLN B 228 -30.92 -19.30 18.47
CA GLN B 228 -29.70 -20.09 18.62
C GLN B 228 -28.44 -19.22 18.54
N GLU B 229 -27.80 -19.03 19.71
CA GLU B 229 -26.57 -18.24 19.85
C GLU B 229 -25.32 -18.91 19.28
N VAL B 230 -25.02 -20.12 19.76
CA VAL B 230 -23.88 -20.91 19.33
C VAL B 230 -24.36 -21.80 18.18
N LEU B 231 -23.96 -21.44 16.96
CA LEU B 231 -24.36 -22.18 15.76
C LEU B 231 -23.19 -22.76 14.97
N GLU B 232 -22.98 -24.06 15.11
CA GLU B 232 -21.92 -24.75 14.39
C GLU B 232 -22.49 -25.35 13.10
N ALA B 233 -21.60 -25.82 12.23
CA ALA B 233 -22.00 -26.44 10.97
C ALA B 233 -22.50 -27.85 11.30
N GLY B 234 -23.79 -28.07 11.03
CA GLY B 234 -24.44 -29.36 11.30
C GLY B 234 -23.71 -30.57 10.70
N PRO B 235 -23.51 -31.66 11.48
CA PRO B 235 -22.83 -32.90 11.07
C PRO B 235 -23.46 -33.54 9.83
N SER B 236 -22.67 -34.34 9.11
CA SER B 236 -23.08 -35.04 7.87
C SER B 236 -24.42 -35.81 7.84
N ILE B 237 -25.51 -35.06 8.00
CA ILE B 237 -26.89 -35.54 8.00
C ILE B 237 -27.77 -34.33 7.62
N PRO B 238 -28.66 -34.46 6.62
CA PRO B 238 -29.55 -33.35 6.18
C PRO B 238 -30.81 -33.06 7.00
N VAL B 239 -30.80 -31.91 7.69
CA VAL B 239 -31.93 -31.42 8.50
C VAL B 239 -32.04 -29.90 8.27
N GLU B 240 -31.80 -29.10 9.31
CA GLU B 240 -31.82 -27.63 9.24
C GLU B 240 -30.43 -27.15 8.81
N ILE B 241 -30.31 -25.89 8.41
CA ILE B 241 -29.03 -25.31 7.94
C ILE B 241 -27.85 -25.42 8.93
N LEU B 242 -28.04 -25.02 10.18
CA LEU B 242 -27.01 -25.11 11.22
C LEU B 242 -27.56 -25.86 12.44
N GLY B 243 -26.74 -26.04 13.47
CA GLY B 243 -27.18 -26.75 14.68
C GLY B 243 -26.73 -26.14 15.99
N LEU B 244 -27.58 -26.24 17.02
CA LEU B 244 -27.29 -25.69 18.35
C LEU B 244 -26.27 -26.52 19.14
N SER B 245 -25.30 -25.82 19.72
CA SER B 245 -24.25 -26.41 20.54
C SER B 245 -24.24 -25.62 21.85
N GLY B 246 -23.65 -26.19 22.90
CA GLY B 246 -23.62 -25.52 24.19
C GLY B 246 -22.39 -24.69 24.51
N VAL B 247 -21.25 -25.37 24.62
CA VAL B 247 -19.96 -24.75 24.95
C VAL B 247 -18.89 -25.20 23.94
N PRO B 248 -18.37 -24.27 23.08
CA PRO B 248 -17.32 -24.60 22.09
C PRO B 248 -15.94 -24.54 22.75
N ALA B 249 -15.02 -25.38 22.31
CA ALA B 249 -13.69 -25.41 22.91
C ALA B 249 -12.58 -24.65 22.17
N ALA B 250 -11.34 -24.92 22.57
CA ALA B 250 -10.14 -24.31 22.00
C ALA B 250 -9.87 -24.89 20.61
N GLY B 251 -9.97 -24.03 19.60
CA GLY B 251 -9.76 -24.43 18.22
C GLY B 251 -11.06 -24.85 17.57
N ASP B 252 -12.06 -23.98 17.65
CA ASP B 252 -13.40 -24.21 17.10
C ASP B 252 -13.88 -23.01 16.27
N GLU B 253 -14.63 -23.31 15.21
CA GLU B 253 -15.18 -22.29 14.30
C GLU B 253 -16.72 -22.28 14.48
N VAL B 254 -17.25 -21.19 15.01
CA VAL B 254 -18.71 -21.10 15.27
C VAL B 254 -19.40 -19.76 14.94
N THR B 255 -20.58 -19.86 14.32
CA THR B 255 -21.38 -18.68 13.93
C THR B 255 -22.25 -18.14 15.09
N VAL B 256 -21.91 -16.94 15.57
CA VAL B 256 -22.59 -16.31 16.71
C VAL B 256 -23.73 -15.34 16.37
N VAL B 257 -24.77 -15.37 17.19
CA VAL B 257 -25.96 -14.52 17.06
C VAL B 257 -26.15 -13.68 18.33
N ARG B 258 -26.06 -12.36 18.16
CA ARG B 258 -26.22 -11.38 19.25
C ARG B 258 -27.18 -10.27 18.77
N ASP B 259 -27.30 -9.19 19.54
CA ASP B 259 -28.17 -8.06 19.21
C ASP B 259 -27.57 -7.11 18.17
N GLU B 260 -27.25 -5.87 18.59
CA GLU B 260 -26.66 -4.86 17.71
C GLU B 260 -25.19 -5.14 17.40
N LYS B 261 -24.95 -5.66 16.19
CA LYS B 261 -23.60 -5.98 15.70
C LYS B 261 -23.46 -5.59 14.22
N LYS B 262 -24.17 -4.51 13.87
CA LYS B 262 -24.23 -3.96 12.51
C LYS B 262 -22.97 -3.21 12.00
N ALA B 263 -22.41 -2.35 12.85
CA ALA B 263 -21.22 -1.54 12.51
C ALA B 263 -19.94 -2.13 13.10
N ARG B 264 -19.98 -3.44 13.33
CA ARG B 264 -18.89 -4.21 13.91
C ARG B 264 -17.81 -4.54 12.85
N GLU B 265 -16.61 -4.01 13.09
CA GLU B 265 -15.44 -4.09 12.22
C GLU B 265 -14.74 -5.41 11.89
N VAL B 266 -13.81 -5.33 10.94
CA VAL B 266 -13.02 -6.47 10.45
C VAL B 266 -11.58 -6.36 10.95
N ALA B 267 -11.21 -7.34 11.79
CA ALA B 267 -9.91 -7.54 12.47
C ALA B 267 -10.05 -7.38 13.99
N LEU B 268 -11.28 -7.41 14.51
CA LEU B 268 -11.52 -7.26 15.97
C LEU B 268 -11.23 -8.51 16.83
N TYR B 269 -10.99 -8.28 18.12
CA TYR B 269 -10.67 -9.35 19.10
C TYR B 269 -11.96 -9.84 19.77
N ARG B 270 -12.00 -11.09 20.21
CA ARG B 270 -13.18 -11.65 20.91
C ARG B 270 -13.07 -11.32 22.42
N GLN B 271 -12.66 -10.08 22.68
CA GLN B 271 -12.50 -9.48 24.02
C GLN B 271 -12.62 -7.95 23.81
N GLY B 272 -12.51 -7.56 22.54
CA GLY B 272 -12.66 -6.21 22.01
C GLY B 272 -12.24 -4.83 22.51
N LYS B 273 -11.78 -4.05 21.52
CA LYS B 273 -11.33 -2.65 21.58
C LYS B 273 -10.85 -2.23 20.18
N PHE B 274 -11.72 -1.54 19.44
CA PHE B 274 -11.42 -1.05 18.10
C PHE B 274 -12.10 0.29 17.91
N ARG B 275 -11.50 1.07 17.01
CA ARG B 275 -11.95 2.41 16.65
C ARG B 275 -11.25 2.79 15.37
N GLU B 276 -11.89 3.70 14.64
CA GLU B 276 -11.40 4.25 13.39
C GLU B 276 -11.14 5.72 13.74
N VAL B 277 -11.55 6.04 14.97
CA VAL B 277 -11.47 7.35 15.60
C VAL B 277 -10.04 7.68 16.05
N LYS B 278 -9.32 6.66 16.53
CA LYS B 278 -7.94 6.81 16.98
C LYS B 278 -7.01 6.86 15.76
N LEU B 279 -7.20 5.92 14.83
CA LEU B 279 -6.39 5.82 13.60
C LEU B 279 -6.56 7.01 12.66
N ALA B 280 -7.64 7.78 12.86
CA ALA B 280 -7.93 8.97 12.07
C ALA B 280 -7.29 10.17 12.77
N ARG B 281 -7.15 10.08 14.09
CA ARG B 281 -6.54 11.12 14.92
C ARG B 281 -5.01 10.98 14.94
N GLN B 282 -4.53 9.73 14.91
CA GLN B 282 -3.07 9.43 14.90
C GLN B 282 -2.45 9.81 13.56
N GLN B 283 -3.26 9.75 12.51
CA GLN B 283 -2.85 10.08 11.15
C GLN B 283 -2.96 11.59 10.93
N LYS B 284 -3.96 12.21 11.58
CA LYS B 284 -4.20 13.65 11.47
C LYS B 284 -3.24 14.48 12.33
N SER B 285 -2.78 13.89 13.46
CA SER B 285 -1.84 14.58 14.37
C SER B 285 -0.43 14.66 13.79
N LYS B 286 -0.06 13.68 12.98
CA LYS B 286 1.24 13.62 12.33
C LYS B 286 1.23 14.33 10.97
N LEU B 287 0.02 14.61 10.47
CA LEU B 287 -0.21 15.29 9.19
C LEU B 287 -0.42 16.79 9.44
N GLU B 288 -0.70 17.15 10.69
CA GLU B 288 -0.91 18.53 11.10
C GLU B 288 0.46 19.20 11.34
N ASN B 289 1.44 18.38 11.69
CA ASN B 289 2.82 18.83 11.93
C ASN B 289 3.56 18.92 10.60
N MET B 290 3.15 18.03 9.67
CA MET B 290 3.71 17.97 8.34
C MET B 290 3.12 19.00 7.39
N PHE B 291 2.02 19.66 7.79
CA PHE B 291 1.39 20.69 6.94
C PHE B 291 1.47 22.11 7.54
N ALA B 292 2.12 22.24 8.70
CA ALA B 292 2.35 23.53 9.38
C ALA B 292 3.64 24.14 8.84
N ASN B 293 4.59 23.28 8.49
CA ASN B 293 5.85 23.72 7.89
C ASN B 293 5.67 23.66 6.39
N MET B 294 4.78 22.77 5.94
CA MET B 294 4.51 22.62 4.51
C MET B 294 3.42 23.55 3.96
N THR B 295 3.85 24.81 3.89
CA THR B 295 3.10 25.90 3.32
C THR B 295 3.81 26.04 1.95
N GLU B 296 4.67 25.05 1.66
CA GLU B 296 5.48 25.01 0.45
C GLU B 296 5.47 23.73 -0.42
N GLY B 297 6.17 22.69 0.03
CA GLY B 297 6.32 21.45 -0.73
C GLY B 297 5.51 20.18 -0.74
N GLU B 298 6.04 19.27 -1.56
CA GLU B 298 5.53 17.92 -1.84
C GLU B 298 6.59 16.80 -1.88
N VAL B 299 6.07 15.58 -2.01
CA VAL B 299 6.80 14.31 -2.07
C VAL B 299 5.57 13.41 -1.74
N HIS B 300 5.60 12.60 -0.66
CA HIS B 300 4.52 11.72 -0.10
C HIS B 300 4.47 10.17 -0.23
N GLU B 301 3.61 9.64 0.65
CA GLU B 301 3.25 8.25 1.04
C GLU B 301 3.07 6.80 0.45
N VAL B 302 2.17 6.05 1.14
CA VAL B 302 1.75 4.61 1.03
C VAL B 302 0.38 4.14 0.43
N ASN B 303 0.04 2.84 0.65
CA ASN B 303 -1.24 2.17 0.22
C ASN B 303 -1.65 0.86 1.02
N ILE B 304 -1.66 -0.30 0.33
CA ILE B 304 -2.05 -1.68 0.76
C ILE B 304 -3.49 -1.94 1.33
N VAL B 305 -4.17 -2.94 0.75
CA VAL B 305 -5.55 -3.31 1.14
C VAL B 305 -5.63 -4.82 1.51
N LEU B 306 -6.01 -5.10 2.76
CA LEU B 306 -6.17 -6.47 3.29
C LEU B 306 -7.63 -6.89 3.41
N LYS B 307 -7.93 -8.14 3.07
CA LYS B 307 -9.30 -8.70 3.16
C LYS B 307 -9.06 -10.21 3.30
N ALA B 308 -9.59 -10.87 4.32
CA ALA B 308 -9.37 -12.32 4.45
C ALA B 308 -10.58 -13.15 4.76
N ASP B 309 -10.38 -14.47 4.64
CA ASP B 309 -11.41 -15.48 4.89
C ASP B 309 -11.70 -15.63 6.38
N VAL B 310 -10.72 -15.25 7.19
CA VAL B 310 -10.80 -15.29 8.64
C VAL B 310 -10.23 -13.98 9.17
N GLN B 311 -10.76 -13.52 10.31
CA GLN B 311 -10.28 -12.28 10.94
C GLN B 311 -9.09 -12.61 11.85
N GLY B 312 -8.96 -13.88 12.24
CA GLY B 312 -7.83 -14.35 13.04
C GLY B 312 -6.62 -14.33 12.12
N SER B 313 -6.92 -14.14 10.83
CA SER B 313 -5.96 -14.04 9.77
C SER B 313 -5.77 -12.56 9.39
N VAL B 314 -6.85 -11.76 9.34
CA VAL B 314 -6.74 -10.32 8.98
C VAL B 314 -5.96 -9.57 10.07
N GLU B 315 -6.35 -9.80 11.33
CA GLU B 315 -5.74 -9.18 12.52
C GLU B 315 -4.27 -9.56 12.62
N ALA B 316 -3.99 -10.77 12.19
CA ALA B 316 -2.66 -11.37 12.17
C ALA B 316 -1.71 -10.72 11.17
N ILE B 317 -2.20 -10.58 9.95
CA ILE B 317 -1.45 -9.99 8.84
C ILE B 317 -1.32 -8.46 9.03
N SER B 318 -2.29 -7.84 9.71
CA SER B 318 -2.24 -6.39 9.99
C SER B 318 -1.14 -6.12 11.01
N ASP B 319 -1.04 -6.97 12.03
CA ASP B 319 -0.03 -6.87 13.07
C ASP B 319 1.36 -7.23 12.53
N SER B 320 1.40 -8.09 11.52
CA SER B 320 2.65 -8.51 10.88
C SER B 320 3.16 -7.53 9.83
N LEU B 321 2.25 -6.77 9.22
CA LEU B 321 2.62 -5.76 8.23
C LEU B 321 2.95 -4.42 8.90
N LEU B 322 2.51 -4.29 10.16
CA LEU B 322 2.79 -3.10 10.97
C LEU B 322 4.16 -3.30 11.65
N LYS B 323 4.65 -4.54 11.59
CA LYS B 323 5.96 -4.92 12.13
C LYS B 323 7.02 -4.61 11.06
N LEU B 324 6.61 -4.74 9.80
CA LEU B 324 7.45 -4.45 8.63
C LEU B 324 7.34 -2.97 8.27
N SER B 325 6.50 -2.25 9.01
CA SER B 325 6.21 -0.80 8.86
C SER B 325 5.51 -0.38 7.56
N THR B 326 4.74 -1.31 6.97
CA THR B 326 3.98 -1.06 5.74
C THR B 326 2.52 -0.79 6.13
N ASP B 327 2.13 0.49 6.05
CA ASP B 327 0.78 0.98 6.42
C ASP B 327 -0.38 0.52 5.54
N GLU B 328 -1.58 0.46 6.13
CA GLU B 328 -2.80 0.03 5.43
C GLU B 328 -3.92 1.04 5.16
N VAL B 329 -4.58 0.86 4.00
CA VAL B 329 -5.67 1.72 3.54
C VAL B 329 -7.07 1.20 3.87
N LYS B 330 -7.42 0.02 3.37
CA LYS B 330 -8.72 -0.61 3.60
C LYS B 330 -8.62 -2.04 4.13
N VAL B 331 -9.48 -2.35 5.09
CA VAL B 331 -9.56 -3.67 5.71
C VAL B 331 -11.05 -4.06 5.80
N LYS B 332 -11.85 -3.54 4.85
CA LYS B 332 -13.31 -3.79 4.79
C LYS B 332 -13.75 -4.99 3.93
N ILE B 333 -15.04 -5.33 3.98
CA ILE B 333 -15.60 -6.48 3.22
C ILE B 333 -16.58 -6.18 2.07
N ILE B 334 -16.14 -6.53 0.85
CA ILE B 334 -16.86 -6.43 -0.44
C ILE B 334 -15.87 -6.73 -1.58
N GLY B 335 -16.38 -6.94 -2.78
CA GLY B 335 -15.55 -7.22 -3.94
C GLY B 335 -15.12 -5.96 -4.68
N SER B 336 -15.56 -5.84 -5.94
CA SER B 336 -15.22 -4.69 -6.76
C SER B 336 -16.31 -4.24 -7.75
N GLY B 337 -15.93 -3.34 -8.65
CA GLY B 337 -16.84 -2.74 -9.62
C GLY B 337 -16.82 -1.31 -9.14
N VAL B 338 -17.28 -1.14 -7.91
CA VAL B 338 -17.28 0.14 -7.20
C VAL B 338 -16.15 -0.07 -6.19
N GLY B 339 -14.96 0.27 -6.67
CA GLY B 339 -13.73 0.13 -5.90
C GLY B 339 -12.64 0.18 -6.94
N GLY B 340 -12.98 -0.29 -8.14
CA GLY B 340 -12.08 -0.30 -9.29
C GLY B 340 -12.07 1.05 -9.99
N ILE B 341 -13.09 1.86 -9.72
CA ILE B 341 -13.22 3.20 -10.29
C ILE B 341 -12.62 4.23 -9.34
N THR B 342 -12.69 3.95 -8.03
CA THR B 342 -12.15 4.82 -6.97
C THR B 342 -10.62 4.70 -6.92
N GLU B 343 -10.16 3.61 -7.53
CA GLU B 343 -8.77 3.25 -7.67
C GLU B 343 -8.20 3.99 -8.88
N THR B 344 -9.04 4.15 -9.91
CA THR B 344 -8.68 4.84 -11.15
C THR B 344 -8.82 6.37 -10.99
N ASP B 345 -9.52 6.81 -9.94
CA ASP B 345 -9.70 8.24 -9.65
C ASP B 345 -8.48 8.81 -8.94
N ALA B 346 -7.82 7.96 -8.15
CA ALA B 346 -6.65 8.34 -7.40
C ALA B 346 -5.31 8.07 -8.10
N THR B 347 -5.38 7.58 -9.35
CA THR B 347 -4.17 7.30 -10.14
C THR B 347 -3.70 8.51 -10.95
N LEU B 348 -4.62 9.45 -11.15
CA LEU B 348 -4.35 10.68 -11.91
C LEU B 348 -3.38 11.65 -11.23
N ALA B 349 -3.48 11.74 -9.91
CA ALA B 349 -2.64 12.62 -9.08
C ALA B 349 -1.28 11.96 -8.84
N ALA B 350 -1.26 11.06 -7.86
CA ALA B 350 -0.07 10.30 -7.49
C ALA B 350 -0.49 8.84 -7.68
N ALA B 351 0.21 8.14 -8.58
CA ALA B 351 -0.02 6.73 -8.92
C ALA B 351 0.30 5.76 -7.77
N SER B 352 0.50 6.33 -6.58
CA SER B 352 0.78 5.59 -5.36
C SER B 352 -0.47 4.98 -4.71
N ASN B 353 -1.62 5.16 -5.37
CA ASN B 353 -2.88 4.61 -4.88
C ASN B 353 -3.54 3.87 -6.05
N ALA B 354 -2.75 3.49 -7.06
CA ALA B 354 -3.21 2.83 -8.28
C ALA B 354 -3.67 1.39 -8.25
N ILE B 355 -3.48 0.70 -7.12
CA ILE B 355 -3.87 -0.71 -7.04
C ILE B 355 -5.02 -1.15 -6.11
N LEU B 356 -5.86 -2.05 -6.65
CA LEU B 356 -6.97 -2.67 -5.91
C LEU B 356 -6.32 -4.02 -5.60
N VAL B 357 -5.69 -4.03 -4.42
CA VAL B 357 -4.93 -5.13 -3.86
C VAL B 357 -5.81 -6.05 -2.98
N GLY B 358 -6.34 -7.08 -3.64
CA GLY B 358 -7.22 -8.05 -3.02
C GLY B 358 -6.58 -9.27 -2.39
N PHE B 359 -7.37 -9.99 -1.59
CA PHE B 359 -6.93 -11.24 -0.91
C PHE B 359 -8.18 -12.06 -0.43
N ASN B 360 -8.16 -13.39 -0.61
CA ASN B 360 -9.24 -14.37 -0.28
C ASN B 360 -10.69 -14.01 -0.67
N VAL B 361 -10.82 -12.92 -1.42
CA VAL B 361 -12.11 -12.40 -1.85
C VAL B 361 -12.28 -12.69 -3.35
N ARG B 362 -13.54 -12.82 -3.79
CA ARG B 362 -13.86 -13.11 -5.19
C ARG B 362 -14.10 -11.85 -6.02
N ALA B 363 -13.45 -11.80 -7.19
CA ALA B 363 -13.58 -10.67 -8.11
C ALA B 363 -14.81 -10.88 -9.00
N ASP B 364 -15.68 -9.87 -9.03
CA ASP B 364 -16.93 -9.90 -9.80
C ASP B 364 -16.74 -9.88 -11.32
N ALA B 365 -17.80 -10.29 -12.03
CA ALA B 365 -17.83 -10.35 -13.50
C ALA B 365 -17.87 -8.93 -14.08
N SER B 366 -18.52 -8.03 -13.35
CA SER B 366 -18.66 -6.62 -13.74
C SER B 366 -17.38 -5.86 -13.41
N ALA B 367 -16.60 -6.43 -12.49
CA ALA B 367 -15.32 -5.87 -12.07
C ALA B 367 -14.24 -6.23 -13.07
N ARG B 368 -14.26 -7.47 -13.55
CA ARG B 368 -13.30 -7.99 -14.54
C ARG B 368 -13.22 -7.14 -15.81
N LYS B 369 -14.34 -6.48 -16.12
CA LYS B 369 -14.45 -5.59 -17.29
C LYS B 369 -13.79 -4.22 -17.11
N VAL B 370 -13.64 -3.79 -15.85
CA VAL B 370 -13.01 -2.50 -15.54
C VAL B 370 -11.52 -2.68 -15.19
N ILE B 371 -11.11 -3.94 -14.99
CA ILE B 371 -9.72 -4.30 -14.69
C ILE B 371 -9.01 -4.57 -16.03
N GLU B 372 -9.78 -4.55 -17.12
CA GLU B 372 -9.30 -4.79 -18.49
C GLU B 372 -8.23 -3.77 -18.92
N ALA B 373 -8.26 -2.59 -18.29
CA ALA B 373 -7.30 -1.52 -18.53
C ALA B 373 -6.02 -1.88 -17.76
N GLU B 374 -4.86 -1.59 -18.36
CA GLU B 374 -3.57 -1.91 -17.76
C GLU B 374 -3.08 -1.00 -16.64
N SER B 375 -3.44 0.29 -16.69
CA SER B 375 -3.04 1.32 -15.71
C SER B 375 -3.11 0.92 -14.23
N LEU B 376 -4.02 -0.01 -13.94
CA LEU B 376 -4.24 -0.52 -12.60
C LEU B 376 -3.90 -2.01 -12.48
N ASP B 377 -3.14 -2.37 -11.44
CA ASP B 377 -2.74 -3.77 -11.20
C ASP B 377 -3.65 -4.41 -10.16
N LEU B 378 -3.84 -5.72 -10.29
CA LEU B 378 -4.69 -6.50 -9.41
C LEU B 378 -3.90 -7.66 -8.80
N ARG B 379 -3.79 -7.66 -7.47
CA ARG B 379 -3.06 -8.69 -6.71
C ARG B 379 -3.96 -9.57 -5.84
N TYR B 380 -3.74 -10.88 -5.87
CA TYR B 380 -4.49 -11.82 -5.04
C TYR B 380 -3.65 -12.68 -4.09
N TYR B 381 -2.78 -11.97 -3.36
CA TYR B 381 -1.86 -12.48 -2.32
C TYR B 381 -1.51 -11.24 -1.48
N SER B 382 -1.40 -10.10 -2.19
CA SER B 382 -1.16 -8.73 -1.67
C SER B 382 0.15 -8.11 -1.13
N VAL B 383 0.52 -6.97 -1.74
CA VAL B 383 1.70 -6.11 -1.44
C VAL B 383 1.53 -4.69 -2.10
N ILE B 384 2.65 -3.98 -2.32
CA ILE B 384 2.69 -2.63 -2.94
C ILE B 384 3.83 -2.38 -3.96
N TYR B 385 4.80 -1.58 -3.52
CA TYR B 385 6.02 -1.17 -4.25
C TYR B 385 5.92 -0.49 -5.62
N ASN B 386 5.49 -1.25 -6.64
CA ASN B 386 5.32 -0.82 -8.05
C ASN B 386 4.63 0.56 -8.22
N LEU B 387 3.95 0.99 -7.15
CA LEU B 387 3.20 2.24 -7.02
C LEU B 387 3.96 3.56 -6.96
N ILE B 388 4.93 3.61 -6.06
CA ILE B 388 5.75 4.81 -5.87
C ILE B 388 6.80 4.90 -7.00
N ASP B 389 6.84 3.86 -7.83
CA ASP B 389 7.76 3.77 -8.97
C ASP B 389 7.11 4.28 -10.26
N GLU B 390 5.78 4.27 -10.28
CA GLU B 390 4.95 4.74 -11.41
C GLU B 390 4.84 6.27 -11.49
N VAL B 391 4.70 6.93 -10.32
CA VAL B 391 4.62 8.40 -10.20
C VAL B 391 6.03 9.02 -10.35
N LYS B 392 7.05 8.23 -10.03
CA LYS B 392 8.46 8.64 -10.13
C LYS B 392 8.86 8.77 -11.61
N ALA B 393 8.33 7.87 -12.42
CA ALA B 393 8.59 7.85 -13.87
C ALA B 393 7.70 8.81 -14.65
N ALA B 394 6.70 9.40 -13.96
CA ALA B 394 5.76 10.35 -14.56
C ALA B 394 6.28 11.79 -14.61
N MET B 395 6.79 12.28 -13.48
CA MET B 395 7.34 13.66 -13.41
C MET B 395 8.77 13.76 -13.95
N SER B 396 9.51 12.65 -13.94
CA SER B 396 10.90 12.59 -14.43
C SER B 396 10.93 12.41 -15.95
N GLY B 397 9.77 12.05 -16.52
CA GLY B 397 9.65 11.86 -17.96
C GLY B 397 9.21 13.12 -18.68
N MET B 398 9.00 14.21 -17.92
CA MET B 398 8.57 15.48 -18.48
C MET B 398 9.44 16.70 -18.15
N LEU B 399 10.43 16.53 -17.28
CA LEU B 399 11.34 17.61 -16.88
C LEU B 399 12.63 17.66 -17.71
N SER B 400 13.06 16.51 -18.21
CA SER B 400 14.27 16.39 -19.03
C SER B 400 14.19 16.79 -20.52
N PRO B 401 13.04 16.53 -21.23
CA PRO B 401 12.95 16.93 -22.64
C PRO B 401 12.53 18.39 -22.87
N GLU B 402 12.21 19.08 -21.77
CA GLU B 402 11.77 20.48 -21.81
C GLU B 402 12.87 21.55 -21.79
N LEU B 403 14.09 21.15 -22.16
CA LEU B 403 15.23 22.08 -22.21
C LEU B 403 15.71 22.26 -23.64
N LYS B 404 15.70 23.52 -24.10
CA LYS B 404 16.12 23.90 -25.45
C LYS B 404 16.38 25.41 -25.58
N GLN B 405 15.53 26.23 -24.95
CA GLN B 405 15.64 27.69 -25.07
C GLN B 405 16.60 28.52 -24.19
N GLN B 406 16.76 29.77 -24.62
CA GLN B 406 17.61 30.80 -23.99
C GLN B 406 19.12 30.67 -24.16
N ILE B 407 19.81 31.76 -23.77
CA ILE B 407 21.26 32.01 -23.83
C ILE B 407 21.65 32.62 -25.19
N ILE B 408 22.05 33.90 -25.11
CA ILE B 408 22.43 34.71 -26.27
C ILE B 408 23.71 34.26 -26.99
N GLY B 409 23.56 33.27 -27.86
CA GLY B 409 24.67 32.73 -28.64
C GLY B 409 24.71 33.31 -30.04
N LEU B 410 25.65 32.83 -30.86
CA LEU B 410 25.81 33.32 -32.25
C LEU B 410 24.74 32.87 -33.23
N ALA B 411 24.28 33.84 -34.04
CA ALA B 411 23.25 33.62 -35.06
C ALA B 411 23.15 34.76 -36.08
N GLU B 412 23.11 34.39 -37.36
CA GLU B 412 23.00 35.36 -38.46
C GLU B 412 21.72 35.12 -39.27
N VAL B 413 21.03 36.20 -39.66
CA VAL B 413 19.79 36.11 -40.44
C VAL B 413 19.76 37.12 -41.60
N ARG B 414 19.33 36.66 -42.78
CA ARG B 414 19.24 37.49 -43.98
C ARG B 414 17.79 37.70 -44.43
N ASP B 415 17.41 38.97 -44.60
CA ASP B 415 16.06 39.37 -45.04
C ASP B 415 15.87 39.15 -46.54
N VAL B 416 14.79 38.43 -46.91
CA VAL B 416 14.48 38.13 -48.31
C VAL B 416 13.86 39.31 -49.07
N PHE B 417 13.90 39.23 -50.41
CA PHE B 417 13.37 40.29 -51.28
C PHE B 417 11.86 40.42 -51.39
N LYS B 418 11.41 41.67 -51.27
CA LYS B 418 10.01 42.11 -51.30
C LYS B 418 9.15 41.60 -50.13
N SER B 419 9.50 42.07 -48.94
CA SER B 419 8.83 41.71 -47.68
C SER B 419 8.53 42.99 -46.86
N PRO B 420 7.22 43.31 -46.60
CA PRO B 420 6.69 44.48 -45.86
C PRO B 420 7.34 45.01 -44.56
N LYS B 421 6.99 46.25 -44.23
CA LYS B 421 7.48 46.99 -43.05
C LYS B 421 6.41 47.91 -42.43
N PHE B 422 6.48 48.03 -41.09
CA PHE B 422 5.61 48.84 -40.21
C PHE B 422 6.16 48.37 -38.86
N GLY B 423 5.69 47.19 -38.43
CA GLY B 423 6.15 46.54 -37.23
C GLY B 423 6.87 45.31 -37.75
N ALA B 424 7.58 45.55 -38.86
CA ALA B 424 8.39 44.62 -39.67
C ALA B 424 8.18 43.10 -39.68
N ILE B 425 7.05 42.69 -40.25
CA ILE B 425 6.68 41.28 -40.41
C ILE B 425 7.31 40.94 -41.77
N ALA B 426 8.60 40.62 -41.74
CA ALA B 426 9.38 40.31 -42.92
C ALA B 426 9.86 38.87 -42.98
N GLY B 427 9.90 38.33 -44.21
CA GLY B 427 10.35 36.97 -44.46
C GLY B 427 11.86 36.92 -44.41
N CYS B 428 12.41 36.07 -43.53
CA CYS B 428 13.86 35.99 -43.35
C CYS B 428 14.46 34.59 -43.28
N MET B 429 15.58 34.41 -43.98
CA MET B 429 16.31 33.15 -44.04
C MET B 429 17.50 33.17 -43.08
N VAL B 430 17.61 32.12 -42.25
CA VAL B 430 18.70 31.99 -41.29
C VAL B 430 19.94 31.44 -42.01
N THR B 431 21.09 32.04 -41.74
CA THR B 431 22.35 31.63 -42.37
C THR B 431 23.05 30.60 -41.48
N GLU B 432 23.43 31.01 -40.28
CA GLU B 432 24.11 30.14 -39.29
C GLU B 432 23.49 30.34 -37.91
N GLY B 433 23.70 29.36 -37.03
CA GLY B 433 23.18 29.42 -35.66
C GLY B 433 21.68 29.27 -35.45
N VAL B 434 21.24 29.46 -34.21
CA VAL B 434 19.84 29.36 -33.81
C VAL B 434 19.30 30.75 -33.39
N VAL B 435 18.44 31.32 -34.23
CA VAL B 435 17.83 32.64 -33.97
C VAL B 435 16.54 32.46 -33.16
N LYS B 436 16.60 32.87 -31.90
CA LYS B 436 15.47 32.76 -30.95
C LYS B 436 14.71 34.08 -30.76
N ARG B 437 13.62 34.02 -29.99
CA ARG B 437 12.79 35.20 -29.67
C ARG B 437 13.48 35.94 -28.52
N HIS B 438 13.22 37.26 -28.42
CA HIS B 438 13.78 38.17 -27.39
C HIS B 438 15.30 38.47 -27.60
N ASN B 439 15.88 37.86 -28.64
CA ASN B 439 17.28 38.06 -29.00
C ASN B 439 17.45 39.43 -29.72
N PRO B 440 18.45 40.25 -29.31
CA PRO B 440 18.71 41.57 -29.92
C PRO B 440 19.23 41.53 -31.36
N ILE B 441 18.77 42.47 -32.19
CA ILE B 441 19.17 42.59 -33.61
C ILE B 441 20.02 43.84 -33.86
N ARG B 442 21.10 43.67 -34.65
CA ARG B 442 22.05 44.74 -34.98
C ARG B 442 22.30 44.93 -36.48
N VAL B 443 23.02 46.00 -36.81
CA VAL B 443 23.40 46.33 -38.20
C VAL B 443 24.78 45.69 -38.48
N LEU B 444 25.28 45.83 -39.71
CA LEU B 444 26.57 45.27 -40.17
C LEU B 444 27.83 45.75 -39.45
N ARG B 445 28.90 44.94 -39.53
CA ARG B 445 30.20 45.27 -38.92
C ARG B 445 31.01 46.24 -39.80
N ASP B 446 30.51 46.44 -41.03
CA ASP B 446 31.08 47.34 -42.03
C ASP B 446 30.81 48.78 -41.57
N ASN B 447 29.62 48.97 -40.99
CA ASN B 447 29.19 50.25 -40.43
C ASN B 447 29.36 50.10 -38.91
N VAL B 448 28.66 50.92 -38.12
CA VAL B 448 28.75 50.85 -36.65
C VAL B 448 27.66 49.86 -36.17
N VAL B 449 27.97 49.11 -35.11
CA VAL B 449 27.08 48.08 -34.54
C VAL B 449 25.93 48.69 -33.68
N ILE B 450 25.02 49.38 -34.38
CA ILE B 450 23.84 50.07 -33.79
C ILE B 450 22.63 49.14 -33.61
N TYR B 451 21.79 49.43 -32.62
CA TYR B 451 20.58 48.68 -32.32
C TYR B 451 19.49 48.95 -33.36
N GLU B 452 19.14 47.89 -34.08
CA GLU B 452 18.15 47.92 -35.14
C GLU B 452 16.78 47.49 -34.60
N GLY B 453 16.78 46.49 -33.71
CA GLY B 453 15.52 46.01 -33.14
C GLY B 453 15.62 44.76 -32.28
N GLU B 454 14.50 44.04 -32.19
CA GLU B 454 14.39 42.80 -31.41
C GLU B 454 13.23 41.96 -31.95
N LEU B 455 13.44 40.65 -32.03
CA LEU B 455 12.46 39.69 -32.55
C LEU B 455 11.23 39.46 -31.68
N GLU B 456 10.07 39.83 -32.23
CA GLU B 456 8.77 39.69 -31.56
C GLU B 456 8.28 38.24 -31.59
N SER B 457 7.79 37.80 -32.75
CA SER B 457 7.27 36.44 -32.95
C SER B 457 7.66 35.88 -34.32
N LEU B 458 8.10 34.62 -34.32
CA LEU B 458 8.52 33.90 -35.53
C LEU B 458 7.43 32.93 -35.96
N ARG B 459 7.19 32.82 -37.28
CA ARG B 459 6.16 31.92 -37.78
C ARG B 459 6.53 31.12 -39.04
N ARG B 460 6.69 29.81 -38.86
CA ARG B 460 7.00 28.90 -39.97
C ARG B 460 5.69 28.34 -40.52
N PHE B 461 5.30 28.84 -41.70
CA PHE B 461 4.06 28.47 -42.42
C PHE B 461 2.78 28.76 -41.60
N LYS B 462 2.49 27.89 -40.65
CA LYS B 462 1.32 27.99 -39.77
C LYS B 462 1.73 28.04 -38.29
N ASP B 463 2.73 27.23 -37.93
CA ASP B 463 3.25 27.11 -36.56
C ASP B 463 4.00 28.32 -36.02
N ASP B 464 3.70 28.68 -34.77
CA ASP B 464 4.34 29.79 -34.08
C ASP B 464 5.56 29.18 -33.36
N VAL B 465 6.75 29.40 -33.93
CA VAL B 465 8.00 28.86 -33.39
C VAL B 465 8.80 29.83 -32.52
N ASN B 466 9.52 29.25 -31.56
CA ASN B 466 10.38 30.01 -30.65
C ASN B 466 11.83 30.01 -31.12
N GLU B 467 12.24 28.93 -31.80
CA GLU B 467 13.60 28.78 -32.32
C GLU B 467 13.65 28.37 -33.79
N VAL B 468 14.35 29.17 -34.59
CA VAL B 468 14.51 28.94 -36.04
C VAL B 468 16.00 28.74 -36.33
N ARG B 469 16.34 27.60 -36.94
CA ARG B 469 17.72 27.23 -37.26
C ARG B 469 17.95 26.84 -38.74
N ASN B 470 19.23 26.67 -39.10
CA ASN B 470 19.74 26.29 -40.43
C ASN B 470 19.37 27.19 -41.60
N GLY B 471 18.18 26.98 -42.16
CA GLY B 471 17.68 27.77 -43.28
C GLY B 471 16.23 27.39 -43.51
N MET B 472 15.44 27.54 -42.44
CA MET B 472 14.01 27.20 -42.41
C MET B 472 13.09 28.11 -43.22
N GLU B 473 13.48 29.39 -43.36
CA GLU B 473 12.73 30.45 -44.08
C GLU B 473 11.34 30.68 -43.49
N CYS B 474 11.27 31.56 -42.50
CA CYS B 474 10.02 31.88 -41.79
C CYS B 474 9.61 33.35 -41.85
N GLY B 475 8.45 33.66 -41.27
CA GLY B 475 7.94 35.02 -41.23
C GLY B 475 8.28 35.71 -39.91
N ILE B 476 9.48 36.29 -39.86
CA ILE B 476 10.02 36.99 -38.68
C ILE B 476 9.37 38.36 -38.41
N GLY B 477 8.81 38.51 -37.21
CA GLY B 477 8.19 39.76 -36.78
C GLY B 477 9.22 40.48 -35.93
N VAL B 478 9.58 41.71 -36.30
CA VAL B 478 10.60 42.49 -35.58
C VAL B 478 10.34 44.01 -35.55
N LYS B 479 10.74 44.66 -34.44
CA LYS B 479 10.58 46.12 -34.25
C LYS B 479 11.72 46.87 -34.95
N ASN B 480 11.48 47.25 -36.22
CA ASN B 480 12.49 47.96 -37.02
C ASN B 480 12.06 49.33 -37.57
N TYR B 481 12.97 49.96 -38.33
CA TYR B 481 12.78 51.27 -38.95
C TYR B 481 13.42 51.25 -40.36
N ASN B 482 13.97 52.39 -40.81
CA ASN B 482 14.62 52.51 -42.13
C ASN B 482 16.07 52.00 -42.07
N ASP B 483 16.50 51.64 -40.86
CA ASP B 483 17.83 51.10 -40.60
C ASP B 483 17.94 49.69 -41.20
N VAL B 484 16.79 49.04 -41.40
CA VAL B 484 16.74 47.72 -42.00
C VAL B 484 16.43 47.87 -43.49
N ARG B 485 16.96 46.94 -44.28
CA ARG B 485 16.72 46.94 -45.71
C ARG B 485 16.51 45.49 -46.13
N THR B 486 16.17 45.31 -47.40
CA THR B 486 15.98 43.97 -47.93
C THR B 486 17.25 43.47 -48.59
N GLY B 487 17.70 42.33 -48.07
CA GLY B 487 18.92 41.70 -48.53
C GLY B 487 20.09 41.99 -47.62
N ASP B 488 19.82 42.58 -46.45
CA ASP B 488 20.83 42.93 -45.45
C ASP B 488 21.14 41.76 -44.52
N VAL B 489 22.41 41.60 -44.19
CA VAL B 489 22.87 40.54 -43.30
C VAL B 489 22.88 41.07 -41.85
N ILE B 490 22.00 40.50 -41.03
CA ILE B 490 21.86 40.88 -39.62
C ILE B 490 22.52 39.84 -38.71
N GLU B 491 23.19 40.34 -37.66
CA GLU B 491 23.85 39.49 -36.66
C GLU B 491 23.23 39.81 -35.29
N VAL B 492 23.07 38.77 -34.47
CA VAL B 492 22.51 38.89 -33.11
C VAL B 492 23.60 39.37 -32.14
N PHE B 493 23.24 40.35 -31.30
CA PHE B 493 24.17 40.96 -30.32
C PHE B 493 24.56 40.11 -29.13
N GLU B 494 25.83 39.73 -29.09
CA GLU B 494 26.38 38.97 -27.97
C GLU B 494 26.87 40.05 -27.01
N ILE B 495 26.25 40.13 -25.83
CA ILE B 495 26.61 41.11 -24.80
C ILE B 495 27.99 40.71 -24.27
N ILE B 496 28.91 41.68 -24.18
CA ILE B 496 30.29 41.44 -23.72
C ILE B 496 30.42 40.99 -22.27
N GLU B 497 30.17 39.68 -22.08
CA GLU B 497 30.20 38.90 -20.84
C GLU B 497 29.67 37.52 -21.22
N ILE B 498 28.70 37.51 -22.13
CA ILE B 498 28.05 36.30 -22.66
C ILE B 498 28.80 35.84 -23.93
N GLN B 499 29.66 36.72 -24.46
CA GLN B 499 30.48 36.47 -25.65
C GLN B 499 31.53 35.40 -25.34
N ARG B 500 32.12 35.51 -24.15
CA ARG B 500 33.13 34.58 -23.64
C ARG B 500 32.45 33.48 -22.80
N THR B 501 32.01 32.43 -23.49
CA THR B 501 31.31 31.30 -22.86
C THR B 501 32.19 30.19 -22.28
N ALA C 1 -12.44 30.51 19.13
CA ALA C 1 -11.24 30.21 19.96
C ALA C 1 -9.96 30.64 19.25
N LYS C 2 -9.96 30.46 17.92
CA LYS C 2 -8.86 30.82 17.01
C LYS C 2 -7.48 30.18 17.23
N GLU C 3 -7.03 29.42 16.24
CA GLU C 3 -5.74 28.73 16.26
C GLU C 3 -4.57 29.66 15.93
N LYS C 4 -3.47 29.50 16.68
CA LYS C 4 -2.27 30.33 16.53
C LYS C 4 -1.14 29.78 15.65
N ASP C 5 -1.49 28.89 14.73
CA ASP C 5 -0.52 28.28 13.80
C ASP C 5 -0.36 29.09 12.49
N THR C 6 -0.74 30.36 12.56
CA THR C 6 -0.68 31.30 11.43
C THR C 6 0.68 32.03 11.37
N ILE C 7 1.31 32.00 10.20
CA ILE C 7 2.63 32.61 9.94
C ILE C 7 2.51 34.00 9.28
N ARG C 8 3.45 34.88 9.62
CA ARG C 8 3.52 36.25 9.11
C ARG C 8 4.78 36.49 8.24
N THR C 9 5.03 35.61 7.27
CA THR C 9 6.19 35.70 6.38
C THR C 9 6.00 36.69 5.21
N GLU C 10 7.09 37.35 4.81
CA GLU C 10 7.10 38.36 3.75
C GLU C 10 7.15 37.87 2.29
N GLY C 11 6.85 38.78 1.35
CA GLY C 11 6.85 38.45 -0.06
C GLY C 11 6.72 39.62 -1.04
N VAL C 12 7.16 39.40 -2.27
CA VAL C 12 7.13 40.40 -3.36
C VAL C 12 5.99 40.07 -4.34
N VAL C 13 5.26 41.10 -4.79
CA VAL C 13 4.13 40.93 -5.73
C VAL C 13 4.62 40.72 -7.17
N THR C 14 4.00 39.76 -7.87
CA THR C 14 4.36 39.41 -9.24
C THR C 14 3.34 39.83 -10.32
N GLU C 15 2.26 39.05 -10.45
CA GLU C 15 1.21 39.27 -11.45
C GLU C 15 -0.06 39.91 -10.86
N ALA C 16 -0.72 40.74 -11.68
CA ALA C 16 -1.94 41.43 -11.29
C ALA C 16 -3.19 40.72 -11.85
N LEU C 17 -3.69 39.77 -11.05
CA LEU C 17 -4.87 38.97 -11.39
C LEU C 17 -6.17 39.72 -11.02
N PRO C 18 -7.30 39.46 -11.73
CA PRO C 18 -8.58 40.12 -11.45
C PRO C 18 -9.22 39.87 -10.07
N ASN C 19 -10.16 40.75 -9.72
CA ASN C 19 -10.94 40.73 -8.47
C ASN C 19 -10.14 40.82 -7.16
N ALA C 20 -9.11 41.67 -7.17
CA ALA C 20 -8.21 41.94 -6.03
C ALA C 20 -7.38 40.74 -5.54
N THR C 21 -6.89 39.96 -6.50
CA THR C 21 -6.07 38.77 -6.25
C THR C 21 -4.69 38.97 -6.89
N PHE C 22 -3.64 38.49 -6.23
CA PHE C 22 -2.25 38.61 -6.73
C PHE C 22 -1.50 37.27 -6.65
N ARG C 23 -0.37 37.17 -7.35
CA ARG C 23 0.44 35.95 -7.40
C ARG C 23 1.48 35.82 -6.27
N VAL C 24 1.87 36.97 -5.70
CA VAL C 24 2.85 37.10 -4.59
C VAL C 24 3.93 36.02 -4.36
N LYS C 25 5.15 36.35 -4.77
CA LYS C 25 6.33 35.49 -4.63
C LYS C 25 6.90 35.66 -3.22
N LEU C 26 6.93 34.57 -2.45
CA LEU C 26 7.47 34.59 -1.08
C LEU C 26 8.99 34.61 -1.07
N ASP C 27 9.55 35.32 -0.09
CA ASP C 27 11.00 35.43 0.09
C ASP C 27 11.57 34.13 0.68
N SER C 28 10.67 33.28 1.17
CA SER C 28 10.99 31.99 1.75
C SER C 28 11.18 30.93 0.66
N GLY C 29 10.19 30.82 -0.23
CA GLY C 29 10.24 29.85 -1.32
C GLY C 29 9.39 30.20 -2.54
N PRO C 30 8.39 29.36 -2.92
CA PRO C 30 7.47 29.56 -4.06
C PRO C 30 6.45 30.71 -3.95
N GLU C 31 5.39 30.63 -4.76
CA GLU C 31 4.33 31.63 -4.82
C GLU C 31 2.93 31.15 -4.42
N ILE C 32 2.18 32.00 -3.72
CA ILE C 32 0.81 31.69 -3.29
C ILE C 32 -0.24 32.52 -4.06
N LEU C 33 -1.53 32.18 -3.91
CA LEU C 33 -2.64 32.86 -4.59
C LEU C 33 -3.12 34.18 -3.96
N ALA C 34 -2.56 34.52 -2.79
CA ALA C 34 -2.86 35.72 -1.98
C ALA C 34 -3.84 36.84 -2.39
N TYR C 35 -4.94 36.95 -1.65
CA TYR C 35 -5.96 37.98 -1.85
C TYR C 35 -5.73 39.12 -0.85
N ILE C 36 -6.29 40.30 -1.12
CA ILE C 36 -6.15 41.45 -0.21
C ILE C 36 -7.13 41.31 0.96
N SER C 37 -6.71 41.76 2.14
CA SER C 37 -7.51 41.70 3.36
C SER C 37 -8.69 42.66 3.37
N GLY C 38 -9.70 42.32 4.19
CA GLY C 38 -10.90 43.13 4.33
C GLY C 38 -10.65 44.46 5.04
N LYS C 39 -9.50 44.52 5.72
CA LYS C 39 -9.05 45.72 6.45
C LYS C 39 -8.42 46.69 5.46
N MET C 40 -7.68 46.15 4.49
CA MET C 40 -6.99 46.93 3.46
C MET C 40 -7.89 47.39 2.32
N ARG C 41 -8.94 46.61 2.02
CA ARG C 41 -9.90 46.91 0.96
C ARG C 41 -10.83 48.06 1.34
N MET C 42 -11.04 48.23 2.66
CA MET C 42 -11.88 49.28 3.22
C MET C 42 -11.09 50.58 3.39
N HIS C 43 -9.77 50.44 3.50
CA HIS C 43 -8.85 51.59 3.62
C HIS C 43 -8.26 51.82 2.21
N TYR C 44 -8.90 51.19 1.22
CA TYR C 44 -8.58 51.21 -0.22
C TYR C 44 -7.25 50.58 -0.66
N ILE C 45 -6.15 51.33 -0.52
CA ILE C 45 -4.76 50.90 -0.84
C ILE C 45 -4.56 50.12 -2.17
N ARG C 46 -4.07 50.83 -3.19
CA ARG C 46 -3.81 50.22 -4.51
C ARG C 46 -2.43 49.57 -4.58
N ILE C 47 -2.42 48.24 -4.65
CA ILE C 47 -1.18 47.46 -4.71
C ILE C 47 -0.75 47.28 -6.18
N LEU C 48 0.49 47.68 -6.45
CA LEU C 48 1.11 47.59 -7.77
C LEU C 48 1.80 46.21 -7.95
N PRO C 49 1.97 45.73 -9.21
CA PRO C 49 2.62 44.42 -9.46
C PRO C 49 4.12 44.27 -9.15
N GLY C 50 4.56 44.84 -8.02
CA GLY C 50 5.95 44.76 -7.61
C GLY C 50 6.29 45.38 -6.26
N ASP C 51 5.42 45.16 -5.27
CA ASP C 51 5.61 45.70 -3.91
C ASP C 51 5.92 44.60 -2.89
N ARG C 52 6.59 44.98 -1.80
CA ARG C 52 6.94 44.06 -0.72
C ARG C 52 5.74 44.01 0.24
N VAL C 53 5.17 42.82 0.44
CA VAL C 53 4.01 42.63 1.34
C VAL C 53 4.13 41.43 2.30
N VAL C 54 3.49 41.55 3.46
CA VAL C 54 3.48 40.50 4.49
C VAL C 54 2.23 39.64 4.27
N VAL C 55 2.43 38.34 4.21
CA VAL C 55 1.34 37.38 3.96
C VAL C 55 0.90 36.58 5.20
N GLU C 56 -0.41 36.53 5.42
CA GLU C 56 -1.02 35.78 6.52
C GLU C 56 -1.48 34.44 5.96
N ILE C 57 -0.60 33.43 6.05
CA ILE C 57 -0.89 32.09 5.52
C ILE C 57 -1.42 31.12 6.57
N THR C 58 -2.49 30.42 6.21
CA THR C 58 -3.15 29.41 7.04
C THR C 58 -2.49 28.05 6.72
N PRO C 59 -2.21 27.20 7.75
CA PRO C 59 -1.59 25.88 7.52
C PRO C 59 -2.43 24.81 6.84
N TYR C 60 -3.75 25.03 6.76
CA TYR C 60 -4.68 24.09 6.13
C TYR C 60 -4.57 24.07 4.61
N ASP C 61 -4.32 25.24 4.02
CA ASP C 61 -4.20 25.40 2.58
C ASP C 61 -2.96 26.23 2.23
N PRO C 62 -1.92 25.58 1.65
CA PRO C 62 -0.66 26.21 1.24
C PRO C 62 -0.75 27.20 0.08
N THR C 63 -1.65 26.93 -0.85
CA THR C 63 -1.83 27.76 -2.05
C THR C 63 -2.54 29.10 -1.77
N ARG C 64 -3.28 29.18 -0.67
CA ARG C 64 -4.01 30.39 -0.27
C ARG C 64 -3.27 31.22 0.80
N GLY C 65 -3.29 32.54 0.63
CA GLY C 65 -2.64 33.46 1.57
C GLY C 65 -3.46 34.73 1.73
N ARG C 66 -2.95 35.69 2.51
CA ARG C 66 -3.65 36.96 2.74
C ARG C 66 -2.71 38.13 3.05
N ILE C 67 -2.80 39.19 2.24
CA ILE C 67 -1.97 40.40 2.38
C ILE C 67 -2.41 41.26 3.58
N VAL C 68 -1.53 41.38 4.58
CA VAL C 68 -1.80 42.14 5.82
C VAL C 68 -1.29 43.58 5.79
N TYR C 69 0.04 43.74 5.76
CA TYR C 69 0.71 45.05 5.76
C TYR C 69 0.75 45.70 4.38
N ARG C 70 0.68 47.03 4.38
CA ARG C 70 0.77 47.82 3.16
C ARG C 70 2.19 48.33 2.96
N LYS C 71 2.84 47.84 1.89
CA LYS C 71 4.22 48.17 1.50
C LYS C 71 5.30 47.92 2.58
#